data_3FVE
#
_entry.id   3FVE
#
_cell.length_a   183.640
_cell.length_b   183.640
_cell.length_c   45.210
_cell.angle_alpha   90.000
_cell.angle_beta   90.000
_cell.angle_gamma   120.000
#
_symmetry.space_group_name_H-M   'P 65 2 2'
#
loop_
_entity.id
_entity.type
_entity.pdbx_description
1 polymer 'Diaminopimelate epimerase'
2 non-polymer 2,3-DIHYDROXY-1,4-DITHIOBUTANE
3 non-polymer GLYCEROL
4 water water
#
_entity_poly.entity_id   1
_entity_poly.type   'polypeptide(L)'
_entity_poly.pdbx_seq_one_letter_code
;HMIFAKGHGTQNDFVLLPDVDAELVLTAARVAALCDRRKGLGADGVLRVTTAGAAQAVGVLDSLPEGVRVTDWYMDYRNA
DGSAAQMCGNGVRVFAHYLRASGLEVRDEFVVGSLAGPRPVTCHHVEAAYADVSVDMGKANRLGAGEAVVGGRRFHGLAV
DVGNPHLACVDSQLTVDGLAALDVGAPVSFDGAQFPDGVNVEVLTAPVDGAVWMRVHERGVGETRSCGTGTVAAAVAALA
AVGSPTGTLTVHVPGGEVVVTVTDATSFLRGPSVLVARGDLADDWWNAMG
;
_entity_poly.pdbx_strand_id   A
#
loop_
_chem_comp.id
_chem_comp.type
_chem_comp.name
_chem_comp.formula
DTT non-polymer 2,3-DIHYDROXY-1,4-DITHIOBUTANE 'C4 H10 O2 S2'
GOL non-polymer GLYCEROL 'C3 H8 O3'
#
# COMPACT_ATOMS: atom_id res chain seq x y z
N HIS A 1 -9.26 24.65 -12.63
CA HIS A 1 -10.54 23.88 -12.53
C HIS A 1 -10.36 22.33 -12.60
N MET A 2 -9.21 21.85 -12.10
CA MET A 2 -8.94 20.42 -11.97
C MET A 2 -8.66 20.09 -10.51
N ILE A 3 -9.59 19.43 -9.84
CA ILE A 3 -9.46 19.22 -8.41
C ILE A 3 -8.40 18.17 -8.08
N PHE A 4 -7.62 18.46 -7.04
CA PHE A 4 -6.63 17.53 -6.55
C PHE A 4 -6.55 17.63 -5.03
N ALA A 5 -5.93 16.62 -4.43
CA ALA A 5 -5.47 16.70 -3.03
C ALA A 5 -4.07 16.11 -2.89
N LYS A 6 -3.32 16.54 -1.87
CA LYS A 6 -2.03 15.93 -1.57
C LYS A 6 -2.09 15.32 -0.19
N GLY A 7 -1.75 14.03 -0.11
CA GLY A 7 -1.71 13.31 1.16
C GLY A 7 -0.53 12.37 1.28
N HIS A 8 -0.43 11.74 2.45
CA HIS A 8 0.57 10.71 2.71
C HIS A 8 0.11 9.77 3.83
N GLY A 9 0.65 8.56 3.84
CA GLY A 9 0.42 7.64 4.93
C GLY A 9 1.63 7.68 5.86
N THR A 10 2.20 6.51 6.12
CA THR A 10 3.39 6.39 6.93
C THR A 10 4.58 7.11 6.28
N GLN A 11 4.77 6.88 4.97
CA GLN A 11 5.94 7.37 4.28
C GLN A 11 5.55 7.89 2.89
N ASN A 12 4.90 7.04 2.10
CA ASN A 12 4.49 7.36 0.74
C ASN A 12 3.53 8.53 0.66
N ASP A 13 3.74 9.37 -0.34
CA ASP A 13 2.86 10.51 -0.60
C ASP A 13 2.19 10.37 -1.96
N PHE A 14 0.97 10.89 -2.03
CA PHE A 14 0.09 10.68 -3.17
C PHE A 14 -0.61 11.97 -3.57
N VAL A 15 -0.79 12.13 -4.88
CA VAL A 15 -1.71 13.13 -5.42
C VAL A 15 -3.00 12.41 -5.77
N LEU A 16 -4.12 12.90 -5.23
CA LEU A 16 -5.43 12.32 -5.50
C LEU A 16 -6.11 13.19 -6.55
N LEU A 17 -6.75 12.53 -7.51
CA LEU A 17 -7.57 13.23 -8.51
C LEU A 17 -8.98 12.64 -8.49
N PRO A 18 -9.95 13.40 -7.95
CA PRO A 18 -11.33 12.96 -8.04
C PRO A 18 -11.78 12.99 -9.49
N ASP A 19 -12.36 11.87 -9.94
CA ASP A 19 -12.74 11.72 -11.33
C ASP A 19 -13.73 10.56 -11.37
N VAL A 20 -14.91 10.79 -10.80
CA VAL A 20 -15.91 9.74 -10.61
C VAL A 20 -16.26 9.02 -11.92
N ASP A 21 -16.42 9.80 -12.99
CA ASP A 21 -16.74 9.25 -14.30
C ASP A 21 -15.51 8.93 -15.17
N ALA A 22 -14.31 9.02 -14.61
CA ALA A 22 -13.06 8.68 -15.32
C ALA A 22 -12.88 9.45 -16.64
N GLU A 23 -13.10 10.75 -16.58
CA GLU A 23 -13.02 11.60 -17.75
C GLU A 23 -11.59 12.02 -18.03
N LEU A 24 -10.77 12.05 -16.99
CA LEU A 24 -9.37 12.42 -17.11
C LEU A 24 -8.64 11.37 -17.91
N VAL A 25 -7.69 11.82 -18.73
CA VAL A 25 -6.82 10.94 -19.50
C VAL A 25 -5.45 10.93 -18.81
N LEU A 26 -5.18 9.85 -18.08
CA LEU A 26 -3.93 9.75 -17.32
C LEU A 26 -2.80 9.13 -18.13
N THR A 27 -2.20 9.95 -19.01
CA THR A 27 -1.04 9.49 -19.79
C THR A 27 0.16 9.34 -18.86
N ALA A 28 1.12 8.53 -19.27
CA ALA A 28 2.34 8.30 -18.48
C ALA A 28 3.05 9.62 -18.21
N ALA A 29 3.11 10.47 -19.24
CA ALA A 29 3.74 11.78 -19.15
C ALA A 29 3.02 12.75 -18.19
N ARG A 30 1.69 12.67 -18.12
CA ARG A 30 0.92 13.50 -17.18
C ARG A 30 1.19 13.09 -15.74
N VAL A 31 1.19 11.78 -15.51
CA VAL A 31 1.47 11.23 -14.19
C VAL A 31 2.89 11.62 -13.75
N ALA A 32 3.85 11.51 -14.66
CA ALA A 32 5.24 11.79 -14.35
C ALA A 32 5.46 13.26 -14.00
N ALA A 33 4.79 14.15 -14.74
CA ALA A 33 4.89 15.59 -14.52
C ALA A 33 4.23 15.98 -13.20
N LEU A 34 3.12 15.31 -12.90
CA LEU A 34 2.42 15.56 -11.68
C LEU A 34 3.20 15.03 -10.47
N CYS A 35 3.98 13.97 -10.66
CA CYS A 35 4.77 13.40 -9.56
C CYS A 35 6.14 14.05 -9.38
N ASP A 36 6.61 14.77 -10.41
CA ASP A 36 7.89 15.46 -10.33
C ASP A 36 7.83 16.52 -9.25
N ARG A 37 8.81 16.46 -8.36
CA ARG A 37 8.82 17.26 -7.14
C ARG A 37 9.03 18.74 -7.45
N ARG A 38 9.67 19.03 -8.58
CA ARG A 38 9.97 20.39 -9.02
C ARG A 38 8.99 20.91 -10.06
N LYS A 39 8.71 20.09 -11.07
CA LYS A 39 7.92 20.49 -12.22
C LYS A 39 6.42 20.37 -12.00
N GLY A 40 6.04 19.52 -11.05
CA GLY A 40 4.65 19.30 -10.78
C GLY A 40 4.37 19.55 -9.32
N LEU A 41 3.86 18.53 -8.65
CA LEU A 41 3.45 18.67 -7.28
C LEU A 41 4.26 17.77 -6.36
N GLY A 42 4.81 16.70 -6.93
CA GLY A 42 5.64 15.75 -6.19
C GLY A 42 4.82 14.71 -5.49
N ALA A 43 5.00 13.44 -5.85
CA ALA A 43 4.33 12.32 -5.20
C ALA A 43 5.01 11.00 -5.57
N ASP A 44 4.76 9.98 -4.78
CA ASP A 44 5.22 8.65 -5.15
C ASP A 44 4.29 8.02 -6.19
N GLY A 45 3.04 8.45 -6.17
CA GLY A 45 2.05 7.98 -7.13
C GLY A 45 0.79 8.84 -7.20
N VAL A 46 -0.02 8.59 -8.23
CA VAL A 46 -1.28 9.27 -8.42
C VAL A 46 -2.39 8.29 -8.12
N LEU A 47 -3.41 8.75 -7.38
CA LEU A 47 -4.58 7.95 -7.08
C LEU A 47 -5.79 8.62 -7.69
N ARG A 48 -6.24 8.11 -8.82
CA ARG A 48 -7.44 8.64 -9.46
C ARG A 48 -8.68 7.95 -8.89
N VAL A 49 -9.55 8.76 -8.29
CA VAL A 49 -10.77 8.28 -7.63
C VAL A 49 -11.92 8.13 -8.63
N THR A 50 -12.31 6.88 -8.86
CA THR A 50 -13.37 6.59 -9.82
C THR A 50 -14.14 5.36 -9.33
N THR A 51 -14.97 4.78 -10.19
CA THR A 51 -15.63 3.52 -9.85
C THR A 51 -15.15 2.45 -10.84
N ALA A 52 -15.23 1.18 -10.44
CA ALA A 52 -14.70 0.10 -11.26
C ALA A 52 -15.33 0.08 -12.65
N GLY A 53 -16.63 0.32 -12.72
CA GLY A 53 -17.37 0.30 -13.98
C GLY A 53 -16.96 1.41 -14.91
N ALA A 54 -16.71 2.60 -14.35
CA ALA A 54 -16.24 3.74 -15.13
C ALA A 54 -14.83 3.50 -15.66
N ALA A 55 -14.00 2.85 -14.84
CA ALA A 55 -12.63 2.50 -15.22
C ALA A 55 -12.63 1.46 -16.34
N GLN A 56 -13.53 0.49 -16.25
CA GLN A 56 -13.60 -0.53 -17.28
C GLN A 56 -14.20 0.00 -18.58
N ALA A 57 -15.05 1.03 -18.49
CA ALA A 57 -15.68 1.64 -19.67
C ALA A 57 -14.69 2.47 -20.45
N VAL A 58 -13.75 3.09 -19.73
CA VAL A 58 -12.84 4.05 -20.34
C VAL A 58 -11.50 3.39 -20.72
N GLY A 59 -11.40 2.08 -20.50
CA GLY A 59 -10.22 1.32 -20.92
C GLY A 59 -9.16 1.03 -19.86
N VAL A 60 -9.24 1.69 -18.71
CA VAL A 60 -8.26 1.51 -17.63
C VAL A 60 -8.23 0.08 -17.12
N LEU A 61 -9.40 -0.53 -17.05
CA LEU A 61 -9.56 -1.88 -16.51
C LEU A 61 -10.09 -2.75 -17.63
N ASP A 62 -9.60 -3.99 -17.74
CA ASP A 62 -10.09 -4.89 -18.79
C ASP A 62 -11.37 -5.56 -18.29
N SER A 63 -11.21 -6.57 -17.45
CA SER A 63 -12.34 -7.16 -16.76
C SER A 63 -12.20 -6.84 -15.28
N LEU A 64 -13.23 -7.12 -14.50
CA LEU A 64 -13.20 -6.77 -13.08
C LEU A 64 -12.41 -7.79 -12.28
N PRO A 65 -11.57 -7.32 -11.34
CA PRO A 65 -10.94 -8.24 -10.40
C PRO A 65 -12.00 -8.97 -9.58
N GLU A 66 -11.81 -10.26 -9.32
CA GLU A 66 -12.73 -11.03 -8.49
C GLU A 66 -13.06 -10.25 -7.22
N GLY A 67 -14.35 -10.03 -6.98
CA GLY A 67 -14.83 -9.41 -5.74
C GLY A 67 -15.04 -7.91 -5.87
N VAL A 68 -14.80 -7.37 -7.05
CA VAL A 68 -14.94 -5.95 -7.26
C VAL A 68 -16.13 -5.72 -8.17
N ARG A 69 -17.15 -5.07 -7.63
CA ARG A 69 -18.36 -4.80 -8.39
C ARG A 69 -18.15 -3.59 -9.30
N VAL A 70 -18.95 -3.55 -10.36
CA VAL A 70 -18.97 -2.46 -11.31
C VAL A 70 -19.30 -1.13 -10.61
N THR A 71 -19.98 -1.20 -9.46
CA THR A 71 -20.37 -0.01 -8.70
C THR A 71 -19.39 0.41 -7.60
N ASP A 72 -18.37 -0.41 -7.36
CA ASP A 72 -17.40 -0.12 -6.29
C ASP A 72 -16.57 1.12 -6.56
N TRP A 73 -16.26 1.85 -5.49
CA TRP A 73 -15.16 2.81 -5.55
C TRP A 73 -13.92 2.07 -6.04
N TYR A 74 -13.15 2.74 -6.89
CA TYR A 74 -11.98 2.15 -7.49
C TYR A 74 -10.78 3.06 -7.38
N MET A 75 -9.73 2.58 -6.72
CA MET A 75 -8.48 3.31 -6.64
C MET A 75 -7.63 2.98 -7.84
N ASP A 76 -7.68 3.86 -8.84
CA ASP A 76 -6.85 3.75 -10.04
C ASP A 76 -5.48 4.33 -9.69
N TYR A 77 -4.58 3.44 -9.28
CA TYR A 77 -3.27 3.79 -8.76
C TYR A 77 -2.22 3.77 -9.88
N ARG A 78 -1.46 4.86 -10.04
CA ARG A 78 -0.33 4.91 -10.96
C ARG A 78 0.97 5.28 -10.28
N ASN A 79 2.01 4.49 -10.49
CA ASN A 79 3.35 4.88 -10.06
C ASN A 79 3.84 6.10 -10.84
N ALA A 80 4.76 6.85 -10.23
CA ALA A 80 5.36 8.04 -10.86
C ALA A 80 5.80 7.79 -12.31
N ASP A 81 6.34 6.61 -12.56
CA ASP A 81 6.81 6.22 -13.89
C ASP A 81 5.69 5.67 -14.78
N GLY A 82 4.49 6.25 -14.65
CA GLY A 82 3.31 5.86 -15.45
C GLY A 82 2.71 4.49 -15.13
N SER A 83 3.58 3.55 -14.74
CA SER A 83 3.23 2.16 -14.41
C SER A 83 2.06 1.99 -13.41
N ALA A 84 1.46 0.79 -13.37
CA ALA A 84 0.28 0.53 -12.54
C ALA A 84 0.53 -0.31 -11.27
N ALA A 85 -0.23 0.03 -10.23
CA ALA A 85 -0.18 -0.53 -8.86
C ALA A 85 0.60 -1.83 -8.62
N GLN A 86 1.92 -1.71 -8.47
CA GLN A 86 2.76 -2.79 -7.94
C GLN A 86 2.16 -3.37 -6.64
N MET A 87 2.50 -4.62 -6.33
CA MET A 87 1.76 -5.48 -5.37
C MET A 87 1.48 -4.93 -3.96
N CYS A 88 2.29 -3.99 -3.49
CA CYS A 88 2.28 -3.49 -2.09
C CYS A 88 0.94 -3.31 -1.36
N GLY A 89 -0.12 -2.98 -2.08
CA GLY A 89 -1.41 -2.65 -1.45
C GLY A 89 -1.43 -1.24 -0.87
N ASN A 90 -0.52 -0.41 -1.36
CA ASN A 90 -0.41 0.97 -0.90
C ASN A 90 -1.46 1.90 -1.54
N GLY A 91 -1.77 2.98 -0.83
CA GLY A 91 -2.66 4.01 -1.34
C GLY A 91 -4.06 3.98 -0.73
N VAL A 92 -4.43 2.84 -0.16
CA VAL A 92 -5.82 2.58 0.24
C VAL A 92 -6.28 3.44 1.42
N ARG A 93 -5.40 3.61 2.41
CA ARG A 93 -5.71 4.43 3.59
C ARG A 93 -5.96 5.88 3.18
N VAL A 94 -5.01 6.45 2.46
CA VAL A 94 -5.10 7.84 2.03
C VAL A 94 -6.31 8.01 1.10
N PHE A 95 -6.53 7.01 0.26
CA PHE A 95 -7.66 7.01 -0.65
C PHE A 95 -8.97 7.05 0.13
N ALA A 96 -9.12 6.13 1.10
CA ALA A 96 -10.29 6.07 1.98
C ALA A 96 -10.47 7.37 2.76
N HIS A 97 -9.39 7.87 3.34
CA HIS A 97 -9.43 9.17 4.03
C HIS A 97 -9.98 10.27 3.11
N TYR A 98 -9.52 10.29 1.86
CA TYR A 98 -10.00 11.28 0.91
C TYR A 98 -11.50 11.14 0.65
N LEU A 99 -11.95 9.93 0.37
CA LEU A 99 -13.37 9.64 0.21
C LEU A 99 -14.25 10.19 1.34
N ARG A 100 -13.87 9.93 2.59
CA ARG A 100 -14.61 10.43 3.75
C ARG A 100 -14.57 11.96 3.90
N ALA A 101 -13.37 12.52 3.92
CA ALA A 101 -13.21 13.95 4.16
C ALA A 101 -13.82 14.83 3.07
N SER A 102 -13.89 14.32 1.85
CA SER A 102 -14.40 15.10 0.72
C SER A 102 -15.91 14.91 0.56
N GLY A 103 -16.49 14.07 1.39
CA GLY A 103 -17.92 13.80 1.32
C GLY A 103 -18.33 12.90 0.16
N LEU A 104 -17.37 12.29 -0.52
CA LEU A 104 -17.73 11.36 -1.59
C LEU A 104 -18.33 10.13 -0.96
N GLU A 105 -17.87 9.83 0.26
CA GLU A 105 -18.40 8.71 1.03
C GLU A 105 -18.75 9.16 2.45
N VAL A 106 -19.93 8.73 2.90
CA VAL A 106 -20.50 9.18 4.17
C VAL A 106 -20.31 8.12 5.26
N ARG A 107 -20.18 6.87 4.87
CA ARG A 107 -20.07 5.75 5.78
C ARG A 107 -18.61 5.54 6.18
N ASP A 108 -18.37 5.08 7.41
CA ASP A 108 -17.02 4.81 7.86
C ASP A 108 -16.51 3.46 7.39
N GLU A 109 -17.45 2.57 7.04
CA GLU A 109 -17.14 1.24 6.54
C GLU A 109 -17.59 1.10 5.08
N PHE A 110 -16.65 0.84 4.20
CA PHE A 110 -16.96 0.64 2.80
C PHE A 110 -15.82 -0.17 2.16
N VAL A 111 -15.97 -0.48 0.88
CA VAL A 111 -14.98 -1.27 0.16
C VAL A 111 -14.25 -0.40 -0.86
N VAL A 112 -12.92 -0.45 -0.83
CA VAL A 112 -12.11 0.19 -1.85
C VAL A 112 -11.72 -0.87 -2.87
N GLY A 113 -12.15 -0.70 -4.12
CA GLY A 113 -11.70 -1.57 -5.20
C GLY A 113 -10.30 -1.19 -5.64
N SER A 114 -9.57 -2.19 -6.13
CA SER A 114 -8.21 -1.98 -6.66
C SER A 114 -7.88 -3.11 -7.62
N LEU A 115 -6.85 -2.90 -8.43
CA LEU A 115 -6.41 -3.89 -9.40
C LEU A 115 -6.21 -5.26 -8.74
N ALA A 116 -5.68 -5.27 -7.51
CA ALA A 116 -5.41 -6.52 -6.80
C ALA A 116 -6.65 -7.14 -6.18
N GLY A 117 -7.74 -6.37 -6.05
CA GLY A 117 -8.98 -6.90 -5.51
C GLY A 117 -9.65 -5.94 -4.55
N PRO A 118 -10.72 -6.39 -3.87
CA PRO A 118 -11.48 -5.52 -2.95
C PRO A 118 -10.75 -5.31 -1.63
N ARG A 119 -10.76 -4.09 -1.12
CA ARG A 119 -10.13 -3.77 0.14
C ARG A 119 -11.17 -3.10 1.03
N PRO A 120 -11.84 -3.89 1.88
CA PRO A 120 -12.74 -3.30 2.88
C PRO A 120 -11.97 -2.42 3.85
N VAL A 121 -12.52 -1.24 4.15
CA VAL A 121 -11.86 -0.32 5.08
C VAL A 121 -12.78 0.06 6.23
N THR A 122 -12.14 0.45 7.34
CA THR A 122 -12.84 1.03 8.47
C THR A 122 -12.18 2.35 8.82
N CYS A 123 -12.97 3.41 8.82
CA CYS A 123 -12.48 4.72 9.19
C CYS A 123 -12.78 4.97 10.65
N HIS A 124 -11.74 5.00 11.47
CA HIS A 124 -11.94 5.07 12.90
C HIS A 124 -12.20 6.49 13.35
N HIS A 125 -11.34 7.41 12.96
CA HIS A 125 -11.62 8.82 13.15
C HIS A 125 -11.24 9.46 11.85
N VAL A 126 -11.98 10.49 11.45
CA VAL A 126 -11.68 11.21 10.23
C VAL A 126 -11.89 12.69 10.46
N GLU A 127 -10.83 13.46 10.22
CA GLU A 127 -10.89 14.90 10.18
C GLU A 127 -10.46 15.27 8.79
N ALA A 128 -10.52 16.56 8.45
CA ALA A 128 -10.06 17.05 7.15
C ALA A 128 -8.59 16.69 6.89
N ALA A 129 -7.74 16.85 7.90
CA ALA A 129 -6.31 16.67 7.75
C ALA A 129 -5.77 15.30 8.21
N TYR A 130 -6.44 14.66 9.16
CA TYR A 130 -5.93 13.42 9.75
C TYR A 130 -6.98 12.33 9.85
N ALA A 131 -6.56 11.09 9.60
CA ALA A 131 -7.45 9.94 9.81
C ALA A 131 -6.70 8.71 10.29
N ASP A 132 -7.46 7.79 10.86
CA ASP A 132 -6.96 6.51 11.39
C ASP A 132 -7.80 5.44 10.65
N VAL A 133 -7.16 4.72 9.73
CA VAL A 133 -7.86 3.79 8.83
C VAL A 133 -7.35 2.33 8.93
N SER A 134 -8.29 1.37 8.98
CA SER A 134 -7.98 -0.06 8.92
C SER A 134 -8.30 -0.61 7.56
N VAL A 135 -7.32 -1.25 6.93
CA VAL A 135 -7.50 -1.92 5.66
C VAL A 135 -7.49 -3.43 5.87
N ASP A 136 -8.57 -4.08 5.42
CA ASP A 136 -8.63 -5.53 5.36
C ASP A 136 -7.77 -5.94 4.16
N MET A 137 -6.57 -6.43 4.46
CA MET A 137 -5.54 -6.75 3.45
C MET A 137 -5.66 -8.16 2.85
N GLY A 138 -6.52 -9.00 3.42
CA GLY A 138 -6.75 -10.33 2.88
C GLY A 138 -6.10 -11.43 3.69
N LYS A 139 -6.40 -12.67 3.32
CA LYS A 139 -5.81 -13.84 3.96
C LYS A 139 -4.29 -13.87 3.78
N ALA A 140 -3.58 -14.15 4.86
CA ALA A 140 -2.13 -14.32 4.80
C ALA A 140 -1.85 -15.80 4.98
N ASN A 141 -1.17 -16.39 4.00
CA ASN A 141 -0.87 -17.82 4.06
C ASN A 141 0.59 -18.11 4.38
N ARG A 142 0.83 -18.76 5.53
CA ARG A 142 2.17 -19.22 5.89
C ARG A 142 2.49 -20.45 5.06
N LEU A 143 3.65 -20.46 4.41
CA LEU A 143 4.01 -21.52 3.45
C LEU A 143 5.48 -22.01 3.51
N GLY A 144 6.00 -22.30 4.70
CA GLY A 144 7.32 -22.93 4.77
C GLY A 144 8.53 -22.01 4.80
N ALA A 145 9.65 -22.57 5.27
CA ALA A 145 10.86 -21.82 5.59
C ALA A 145 11.82 -21.64 4.41
N GLY A 146 12.58 -20.54 4.45
CA GLY A 146 13.57 -20.21 3.42
C GLY A 146 14.68 -19.29 3.90
N GLU A 147 15.88 -19.48 3.33
CA GLU A 147 17.04 -18.65 3.64
C GLU A 147 17.08 -17.39 2.77
N ALA A 148 17.76 -16.35 3.28
CA ALA A 148 18.08 -15.14 2.51
C ALA A 148 19.29 -14.43 3.12
N VAL A 149 19.82 -13.44 2.39
CA VAL A 149 20.87 -12.53 2.90
C VAL A 149 21.21 -11.49 1.83
N PHE A 155 20.15 -14.85 6.98
CA PHE A 155 18.75 -14.72 7.42
C PHE A 155 17.87 -15.91 7.06
N HIS A 156 17.02 -16.30 8.00
CA HIS A 156 16.12 -17.42 7.79
C HIS A 156 14.70 -17.03 8.17
N GLY A 157 13.79 -17.14 7.21
CA GLY A 157 12.43 -16.67 7.42
C GLY A 157 11.34 -17.60 6.95
N LEU A 158 10.14 -17.05 6.90
CA LEU A 158 8.96 -17.79 6.56
C LEU A 158 8.31 -17.18 5.32
N ALA A 159 8.11 -18.00 4.29
CA ALA A 159 7.31 -17.61 3.15
C ALA A 159 5.89 -17.30 3.60
N VAL A 160 5.46 -16.06 3.35
CA VAL A 160 4.10 -15.66 3.65
C VAL A 160 3.48 -15.08 2.38
N ASP A 161 2.31 -15.59 2.03
CA ASP A 161 1.60 -15.17 0.83
C ASP A 161 0.50 -14.20 1.21
N VAL A 162 0.65 -12.93 0.83
CA VAL A 162 -0.37 -11.91 1.10
C VAL A 162 -0.86 -11.27 -0.20
N GLY A 163 -1.36 -12.11 -1.10
CA GLY A 163 -1.74 -11.69 -2.46
C GLY A 163 -0.56 -11.88 -3.42
N ASN A 164 0.64 -11.74 -2.89
CA ASN A 164 1.87 -11.90 -3.64
C ASN A 164 2.95 -12.49 -2.71
N PRO A 165 3.94 -13.22 -3.27
CA PRO A 165 4.93 -13.90 -2.43
C PRO A 165 5.80 -12.97 -1.57
N HIS A 166 5.95 -13.33 -0.30
CA HIS A 166 6.86 -12.66 0.63
C HIS A 166 7.70 -13.69 1.37
N LEU A 167 8.82 -13.24 1.92
CA LEU A 167 9.67 -14.05 2.77
C LEU A 167 10.13 -13.19 3.94
N ALA A 168 9.37 -13.20 5.02
CA ALA A 168 9.68 -12.39 6.19
C ALA A 168 10.61 -13.12 7.14
N CYS A 169 11.70 -12.46 7.53
CA CYS A 169 12.76 -13.10 8.31
C CYS A 169 12.96 -12.48 9.70
N VAL A 170 12.44 -13.16 10.71
CA VAL A 170 12.61 -12.75 12.10
C VAL A 170 14.01 -13.17 12.53
N ASP A 171 14.75 -12.24 13.13
CA ASP A 171 16.08 -12.54 13.67
C ASP A 171 16.19 -12.10 15.12
N SER A 172 16.21 -13.09 16.02
CA SER A 172 16.36 -12.87 17.46
C SER A 172 17.60 -12.07 17.80
N GLN A 173 18.66 -12.25 17.01
CA GLN A 173 19.95 -11.60 17.26
C GLN A 173 20.11 -10.28 16.51
N LEU A 174 19.00 -9.74 16.01
CA LEU A 174 18.98 -8.42 15.36
C LEU A 174 18.44 -7.34 16.28
N THR A 175 19.15 -6.20 16.28
CA THR A 175 18.77 -5.03 17.05
C THR A 175 18.24 -3.96 16.11
N VAL A 176 17.66 -2.91 16.69
CA VAL A 176 17.17 -1.77 15.91
C VAL A 176 18.32 -1.11 15.14
N ASP A 177 19.48 -0.99 15.79
CA ASP A 177 20.70 -0.42 15.19
C ASP A 177 21.28 -1.31 14.09
N GLY A 178 21.30 -2.62 14.35
CA GLY A 178 21.76 -3.61 13.38
C GLY A 178 20.91 -3.62 12.12
N LEU A 179 19.62 -3.33 12.29
CA LEU A 179 18.69 -3.20 11.17
C LEU A 179 19.04 -2.03 10.24
N ALA A 180 19.91 -1.12 10.70
CA ALA A 180 20.57 -0.20 9.79
C ALA A 180 21.74 -0.92 9.09
N ALA A 181 21.36 -1.88 8.24
CA ALA A 181 22.27 -2.63 7.37
C ALA A 181 21.92 -2.26 5.92
N LEU A 182 22.84 -2.50 5.00
CA LEU A 182 22.63 -2.11 3.59
C LEU A 182 21.83 -3.15 2.82
N ASP A 183 20.50 -3.07 2.90
CA ASP A 183 19.63 -4.00 2.18
C ASP A 183 18.91 -3.38 0.99
N VAL A 184 19.52 -2.36 0.40
CA VAL A 184 19.11 -1.86 -0.91
C VAL A 184 19.91 -2.64 -1.95
N GLY A 185 19.24 -3.03 -3.04
CA GLY A 185 19.87 -3.77 -4.14
C GLY A 185 20.88 -4.85 -3.75
N VAL A 188 18.44 -9.89 -1.09
CA VAL A 188 19.33 -10.11 -2.22
C VAL A 188 19.23 -11.54 -2.77
N SER A 189 19.78 -12.51 -2.04
CA SER A 189 19.75 -13.90 -2.48
C SER A 189 18.62 -14.66 -1.80
N PHE A 190 17.88 -15.42 -2.61
CA PHE A 190 16.78 -16.27 -2.13
C PHE A 190 16.70 -17.56 -2.96
N ASP A 191 15.98 -18.55 -2.46
CA ASP A 191 15.86 -19.83 -3.17
C ASP A 191 14.85 -19.76 -4.31
N GLY A 192 15.34 -20.00 -5.52
CA GLY A 192 14.54 -19.88 -6.74
C GLY A 192 13.46 -20.92 -6.91
N ALA A 193 13.69 -22.13 -6.41
CA ALA A 193 12.68 -23.19 -6.45
C ALA A 193 11.48 -22.89 -5.54
N GLN A 194 11.74 -22.18 -4.45
CA GLN A 194 10.71 -21.80 -3.49
C GLN A 194 9.89 -20.62 -4.01
N PHE A 195 10.56 -19.70 -4.69
CA PHE A 195 9.92 -18.52 -5.27
C PHE A 195 10.30 -18.39 -6.74
N PRO A 196 9.67 -19.20 -7.62
CA PRO A 196 10.01 -19.19 -9.05
C PRO A 196 9.77 -17.84 -9.74
N ASP A 197 8.82 -17.06 -9.23
CA ASP A 197 8.47 -15.75 -9.81
C ASP A 197 8.91 -14.56 -8.94
N GLY A 198 10.00 -14.75 -8.18
CA GLY A 198 10.53 -13.69 -7.32
C GLY A 198 9.79 -13.56 -5.99
N VAL A 199 10.33 -12.69 -5.12
CA VAL A 199 9.82 -12.55 -3.75
C VAL A 199 10.20 -11.22 -3.11
N ASN A 200 9.28 -10.65 -2.35
CA ASN A 200 9.58 -9.54 -1.47
C ASN A 200 10.23 -10.07 -0.20
N VAL A 201 11.31 -9.44 0.22
CA VAL A 201 12.05 -9.93 1.38
C VAL A 201 11.99 -8.94 2.54
N GLU A 202 11.34 -9.34 3.63
CA GLU A 202 11.29 -8.55 4.86
C GLU A 202 12.29 -9.09 5.89
N VAL A 203 12.91 -8.18 6.64
CA VAL A 203 13.85 -8.57 7.70
C VAL A 203 13.47 -7.78 8.95
N LEU A 204 13.37 -8.46 10.09
CA LEU A 204 12.76 -7.86 11.27
C LEU A 204 13.27 -8.37 12.61
N THR A 205 13.06 -7.57 13.66
CA THR A 205 13.43 -7.96 15.02
C THR A 205 12.45 -8.96 15.62
N ALA A 206 12.86 -9.60 16.71
CA ALA A 206 11.99 -10.49 17.46
C ALA A 206 10.92 -9.68 18.20
N PRO A 207 9.69 -10.21 18.31
CA PRO A 207 8.63 -9.51 19.05
C PRO A 207 9.02 -9.26 20.51
N VAL A 208 9.26 -7.98 20.82
CA VAL A 208 9.52 -7.53 22.19
C VAL A 208 8.39 -6.59 22.60
N ASP A 209 7.59 -7.03 23.57
CA ASP A 209 6.44 -6.28 24.08
C ASP A 209 5.48 -5.82 22.98
N GLY A 210 5.00 -6.78 22.19
CA GLY A 210 3.99 -6.54 21.16
C GLY A 210 4.41 -5.70 19.98
N ALA A 211 5.71 -5.48 19.81
CA ALA A 211 6.23 -4.61 18.76
C ALA A 211 7.44 -5.20 18.02
N VAL A 212 7.66 -4.71 16.80
CA VAL A 212 8.65 -5.25 15.88
C VAL A 212 9.18 -4.15 14.97
N TRP A 213 10.47 -4.21 14.61
CA TRP A 213 11.07 -3.27 13.67
C TRP A 213 11.47 -4.01 12.41
N MET A 214 11.13 -3.45 11.24
CA MET A 214 11.35 -4.15 9.98
C MET A 214 11.81 -3.26 8.82
N ARG A 215 12.36 -3.89 7.79
CA ARG A 215 12.70 -3.23 6.53
C ARG A 215 12.43 -4.17 5.35
N VAL A 216 11.96 -3.61 4.24
CA VAL A 216 11.57 -4.40 3.07
C VAL A 216 12.56 -4.25 1.91
N HIS A 217 12.61 -5.27 1.06
CA HIS A 217 13.31 -5.20 -0.20
C HIS A 217 12.41 -5.81 -1.25
N GLU A 218 11.46 -5.01 -1.75
CA GLU A 218 10.48 -5.51 -2.73
C GLU A 218 11.14 -5.92 -4.05
N ARG A 219 10.50 -6.85 -4.75
CA ARG A 219 11.06 -7.45 -5.96
C ARG A 219 11.22 -6.44 -7.12
N GLY A 220 12.45 -6.32 -7.62
CA GLY A 220 12.76 -5.42 -8.74
C GLY A 220 13.00 -3.96 -8.36
N VAL A 221 12.01 -3.37 -7.67
CA VAL A 221 12.04 -1.95 -7.25
C VAL A 221 13.12 -1.65 -6.20
N GLY A 222 13.77 -2.70 -5.69
CA GLY A 222 14.81 -2.59 -4.66
C GLY A 222 14.25 -2.27 -3.29
N GLU A 223 15.10 -1.76 -2.40
CA GLU A 223 14.65 -1.23 -1.12
C GLU A 223 13.84 0.03 -1.42
N THR A 224 12.51 -0.06 -1.28
CA THR A 224 11.65 1.09 -1.61
C THR A 224 10.57 1.35 -0.56
N ARG A 225 10.71 2.49 0.13
CA ARG A 225 9.72 3.03 1.07
C ARG A 225 9.05 1.99 2.00
N SER A 226 7.72 2.04 2.06
CA SER A 226 6.91 1.18 2.91
C SER A 226 6.06 0.24 2.07
N CYS A 227 5.88 -0.96 2.58
CA CYS A 227 5.14 -1.96 1.86
C CYS A 227 4.00 -2.54 2.70
N GLY A 228 2.77 -2.15 2.35
CA GLY A 228 1.58 -2.60 3.07
C GLY A 228 1.53 -4.10 3.31
N THR A 229 1.43 -4.86 2.23
CA THR A 229 1.33 -6.31 2.29
C THR A 229 2.58 -6.97 2.93
N GLY A 230 3.74 -6.37 2.69
CA GLY A 230 4.99 -6.80 3.32
C GLY A 230 5.02 -6.57 4.82
N THR A 231 4.34 -5.53 5.28
CA THR A 231 4.22 -5.27 6.70
C THR A 231 3.35 -6.32 7.35
N VAL A 232 2.32 -6.76 6.62
CA VAL A 232 1.43 -7.81 7.07
C VAL A 232 2.19 -9.13 7.13
N ALA A 233 3.02 -9.39 6.12
CA ALA A 233 3.85 -10.61 6.09
C ALA A 233 4.79 -10.64 7.27
N ALA A 234 5.36 -9.48 7.61
CA ALA A 234 6.33 -9.38 8.69
C ALA A 234 5.70 -9.77 10.02
N ALA A 235 4.54 -9.18 10.31
CA ALA A 235 3.83 -9.41 11.57
C ALA A 235 3.34 -10.85 11.70
N VAL A 236 2.90 -11.42 10.59
CA VAL A 236 2.49 -12.82 10.56
C VAL A 236 3.64 -13.73 11.01
N ALA A 237 4.82 -13.52 10.42
CA ALA A 237 5.99 -14.32 10.73
C ALA A 237 6.46 -14.13 12.17
N ALA A 238 6.26 -12.93 12.70
CA ALA A 238 6.67 -12.63 14.08
C ALA A 238 5.72 -13.29 15.10
N LEU A 239 4.42 -13.19 14.85
CA LEU A 239 3.41 -13.90 15.63
C LEU A 239 3.67 -15.40 15.64
N ALA A 240 3.87 -15.97 14.45
CA ALA A 240 4.16 -17.40 14.29
C ALA A 240 5.44 -17.85 15.00
N ALA A 241 6.43 -16.96 15.10
CA ALA A 241 7.68 -17.28 15.82
C ALA A 241 7.47 -17.31 17.33
N VAL A 242 6.45 -16.59 17.80
CA VAL A 242 6.06 -16.59 19.22
C VAL A 242 4.97 -17.64 19.50
N GLY A 243 4.65 -18.46 18.50
CA GLY A 243 3.67 -19.52 18.62
C GLY A 243 2.21 -19.12 18.42
N SER A 244 1.99 -17.96 17.81
CA SER A 244 0.61 -17.45 17.63
C SER A 244 0.19 -17.37 16.17
N PRO A 245 -0.82 -18.17 15.78
CA PRO A 245 -1.33 -18.07 14.42
C PRO A 245 -2.08 -16.76 14.19
N THR A 246 -2.53 -16.12 15.26
CA THR A 246 -3.30 -14.89 15.19
C THR A 246 -2.93 -13.94 16.34
N GLY A 247 -3.07 -12.64 16.10
CA GLY A 247 -2.78 -11.65 17.14
C GLY A 247 -2.64 -10.25 16.56
N THR A 248 -2.05 -9.37 17.37
CA THR A 248 -1.86 -7.97 17.02
C THR A 248 -0.43 -7.56 17.34
N LEU A 249 0.27 -7.00 16.35
CA LEU A 249 1.61 -6.43 16.54
C LEU A 249 1.66 -5.00 16.03
N THR A 250 2.31 -4.13 16.79
CA THR A 250 2.73 -2.85 16.27
C THR A 250 3.97 -3.14 15.44
N VAL A 251 4.06 -2.54 14.27
CA VAL A 251 5.22 -2.72 13.40
C VAL A 251 5.87 -1.38 13.04
N HIS A 252 7.09 -1.18 13.54
CA HIS A 252 7.85 0.03 13.27
C HIS A 252 8.52 -0.06 11.90
N VAL A 253 8.16 0.88 11.05
CA VAL A 253 8.60 0.90 9.66
C VAL A 253 9.19 2.27 9.35
N PRO A 254 10.13 2.36 8.37
CA PRO A 254 10.64 3.69 7.98
C PRO A 254 9.50 4.69 7.78
N GLY A 255 9.49 5.72 8.62
CA GLY A 255 8.47 6.76 8.57
C GLY A 255 7.56 6.80 9.78
N GLY A 256 7.43 5.67 10.48
CA GLY A 256 6.54 5.59 11.63
C GLY A 256 6.09 4.17 11.95
N GLU A 257 4.96 4.05 12.62
CA GLU A 257 4.45 2.75 13.01
C GLU A 257 3.00 2.48 12.58
N VAL A 258 2.71 1.20 12.35
CA VAL A 258 1.37 0.74 12.02
C VAL A 258 1.06 -0.49 12.85
N VAL A 259 -0.20 -0.91 12.85
CA VAL A 259 -0.63 -2.05 13.65
C VAL A 259 -1.28 -3.10 12.76
N VAL A 260 -0.72 -4.30 12.78
CA VAL A 260 -1.28 -5.42 12.03
C VAL A 260 -2.11 -6.32 12.95
N THR A 261 -3.28 -6.72 12.47
CA THR A 261 -4.10 -7.73 13.13
C THR A 261 -4.32 -8.90 12.20
N VAL A 262 -3.97 -10.10 12.68
CA VAL A 262 -4.20 -11.32 11.93
C VAL A 262 -5.30 -12.12 12.62
N THR A 263 -6.30 -12.50 11.84
CA THR A 263 -7.39 -13.37 12.31
C THR A 263 -7.31 -14.69 11.53
N ASP A 264 -8.25 -15.61 11.77
CA ASP A 264 -8.31 -16.85 10.98
C ASP A 264 -8.57 -16.51 9.52
N ALA A 265 -9.57 -15.65 9.31
CA ALA A 265 -10.10 -15.36 7.99
C ALA A 265 -9.23 -14.44 7.15
N THR A 266 -8.65 -13.41 7.78
CA THR A 266 -7.98 -12.33 7.05
C THR A 266 -6.88 -11.64 7.87
N SER A 267 -6.42 -10.49 7.37
CA SER A 267 -5.47 -9.64 8.07
C SER A 267 -5.83 -8.17 7.87
N PHE A 268 -5.48 -7.34 8.85
CA PHE A 268 -5.81 -5.93 8.78
C PHE A 268 -4.58 -5.10 9.03
N LEU A 269 -4.41 -4.05 8.22
CA LEU A 269 -3.35 -3.10 8.48
C LEU A 269 -3.99 -1.78 8.84
N ARG A 270 -3.59 -1.24 9.98
CA ARG A 270 -4.15 0.00 10.51
C ARG A 270 -3.06 1.03 10.75
N GLY A 271 -3.24 2.23 10.17
CA GLY A 271 -2.26 3.30 10.32
C GLY A 271 -2.83 4.67 10.01
N PRO A 272 -2.00 5.72 10.18
CA PRO A 272 -2.41 7.10 9.93
C PRO A 272 -2.52 7.45 8.46
N SER A 273 -3.27 8.52 8.18
CA SER A 273 -3.33 9.12 6.87
C SER A 273 -3.43 10.63 7.10
N VAL A 274 -2.75 11.39 6.25
CA VAL A 274 -2.74 12.85 6.35
C VAL A 274 -3.10 13.43 4.98
N LEU A 275 -3.99 14.42 4.97
CA LEU A 275 -4.25 15.21 3.77
C LEU A 275 -3.76 16.64 4.00
N VAL A 276 -2.69 17.00 3.28
CA VAL A 276 -2.00 18.25 3.51
C VAL A 276 -2.66 19.42 2.79
N ALA A 277 -3.16 19.17 1.58
CA ALA A 277 -3.67 20.25 0.75
C ALA A 277 -4.77 19.80 -0.20
N ARG A 278 -5.63 20.74 -0.57
CA ARG A 278 -6.68 20.53 -1.54
C ARG A 278 -6.73 21.75 -2.45
N GLY A 279 -7.09 21.56 -3.72
CA GLY A 279 -7.17 22.68 -4.64
C GLY A 279 -7.32 22.34 -6.10
N ASP A 280 -6.81 23.22 -6.94
CA ASP A 280 -6.98 23.11 -8.38
C ASP A 280 -5.64 23.10 -9.10
N LEU A 281 -5.47 22.12 -9.98
CA LEU A 281 -4.42 22.18 -10.98
C LEU A 281 -4.89 23.14 -12.06
N ALA A 282 -3.97 23.94 -12.59
CA ALA A 282 -4.28 24.82 -13.70
C ALA A 282 -4.54 23.99 -14.97
N ASP A 283 -5.68 24.22 -15.60
CA ASP A 283 -6.11 23.44 -16.77
C ASP A 283 -5.09 23.50 -17.92
N ASP A 284 -4.55 24.70 -18.18
CA ASP A 284 -3.54 24.89 -19.21
C ASP A 284 -2.29 24.07 -18.94
N TRP A 285 -1.91 23.99 -17.66
CA TRP A 285 -0.75 23.21 -17.24
C TRP A 285 -0.98 21.71 -17.50
N TRP A 286 -2.15 21.22 -17.14
CA TRP A 286 -2.55 19.83 -17.37
C TRP A 286 -2.49 19.44 -18.83
N ASN A 287 -3.00 20.32 -19.71
CA ASN A 287 -2.99 20.09 -21.15
C ASN A 287 -1.58 19.97 -21.72
N ALA A 288 -0.74 20.97 -21.44
CA ALA A 288 0.62 21.03 -21.98
C ALA A 288 1.59 20.00 -21.39
N MET A 289 1.10 19.15 -20.48
CA MET A 289 1.94 18.08 -19.93
C MET A 289 1.71 16.76 -20.66
N GLY A 290 2.27 16.66 -21.87
CA GLY A 290 2.18 15.44 -22.69
C GLY A 290 0.77 14.93 -22.96
S1 DTT B . -2.31 4.23 2.10
C1 DTT B . -0.88 3.19 1.86
C2 DTT B . -0.28 3.49 3.18
O2 DTT B . -1.24 4.23 3.87
C3 DTT B . 0.94 4.38 3.06
O3 DTT B . 1.86 3.92 2.09
C4 DTT B . 1.69 4.27 4.33
S4 DTT B . 3.20 3.89 3.49
C1 GOL C . -17.97 0.02 -2.94
O1 GOL C . -16.99 1.02 -2.95
C2 GOL C . -19.18 0.45 -2.13
O2 GOL C . -19.88 1.48 -2.77
C3 GOL C . -18.73 0.97 -0.78
O3 GOL C . -18.05 -0.10 -0.21
C1 GOL D . -11.39 1.41 17.35
O1 GOL D . -10.49 1.06 18.38
C2 GOL D . -12.12 2.71 17.70
O2 GOL D . -13.23 2.85 16.84
C3 GOL D . -11.19 3.91 17.53
O3 GOL D . -10.52 4.16 18.73
#